data_5NR3
#
_entry.id   5NR3
#
_cell.length_a   74.200
_cell.length_b   74.200
_cell.length_c   155.800
_cell.angle_alpha   90.000
_cell.angle_beta   90.000
_cell.angle_gamma   120.000
#
_symmetry.space_group_name_H-M   'P 32 2 1'
#
loop_
_entity.id
_entity.type
_entity.pdbx_description
1 polymer 'DNA (cytosine-5)-methyltransferase 3B'
2 non-polymer Ethambutol
3 non-polymer 'SULFATE ION'
4 water water
#
_entity_poly.entity_id   1
_entity_poly.type   'polypeptide(L)'
_entity_poly.pdbx_seq_one_letter_code
;EADSGDGDSSEYQDGKEFGIGDLVWGKIKGFSWWPAMVVSWKATSKRQAMSGMRWVQWFGDGKFSEVSADKLVALGLFSQ
HFNLATFNKLVSYRKAMYHALEKARVRAGKTFPSSPGDSLEDQLKPMLEWAHGGFKPTGIEGLKPNNTQP
;
_entity_poly.pdbx_strand_id   A,B
#
loop_
_chem_comp.id
_chem_comp.type
_chem_comp.name
_chem_comp.formula
95E non-polymer Ethambutol 'C10 H24 N2 O2'
SO4 non-polymer 'SULFATE ION' 'O4 S -2'
#
# COMPACT_ATOMS: atom_id res chain seq x y z
N GLU A 11 7.94 -10.75 6.80
CA GLU A 11 7.14 -9.90 5.93
C GLU A 11 6.09 -9.16 6.77
N TYR A 12 5.96 -7.86 6.52
CA TYR A 12 4.99 -7.00 7.22
C TYR A 12 5.34 -6.73 8.68
N GLN A 13 6.62 -6.49 8.94
CA GLN A 13 7.09 -6.12 10.27
C GLN A 13 7.44 -4.64 10.31
N ASP A 14 6.43 -3.80 10.25
CA ASP A 14 6.67 -2.36 10.12
C ASP A 14 5.90 -1.52 11.16
N GLY A 15 5.31 -2.18 12.14
CA GLY A 15 4.65 -1.49 13.24
C GLY A 15 3.19 -1.16 12.99
N LYS A 16 2.73 -1.44 11.77
CA LYS A 16 1.33 -1.25 11.41
C LYS A 16 0.58 -2.57 11.51
N GLU A 17 -0.75 -2.51 11.54
CA GLU A 17 -1.52 -3.73 11.73
C GLU A 17 -1.78 -4.47 10.41
N PHE A 18 -2.60 -5.52 10.47
CA PHE A 18 -2.94 -6.38 9.34
C PHE A 18 -1.79 -7.28 8.93
N GLY A 19 -2.06 -8.57 8.99
CA GLY A 19 -1.10 -9.56 8.55
C GLY A 19 -1.73 -10.43 7.48
N ILE A 20 -0.91 -11.32 6.93
CA ILE A 20 -1.34 -12.24 5.89
C ILE A 20 -2.63 -12.97 6.28
N GLY A 21 -3.61 -12.95 5.39
CA GLY A 21 -4.87 -13.66 5.61
C GLY A 21 -5.97 -12.81 6.21
N ASP A 22 -5.64 -11.65 6.74
CA ASP A 22 -6.65 -10.78 7.34
C ASP A 22 -7.67 -10.32 6.32
N LEU A 23 -8.95 -10.41 6.69
CA LEU A 23 -10.03 -9.89 5.87
C LEU A 23 -10.16 -8.38 6.14
N VAL A 24 -10.11 -7.57 5.09
CA VAL A 24 -10.10 -6.12 5.29
C VAL A 24 -11.02 -5.39 4.32
N TRP A 25 -11.34 -4.14 4.65
CA TRP A 25 -11.91 -3.25 3.67
C TRP A 25 -10.73 -2.44 3.18
N GLY A 26 -10.68 -2.20 1.87
CA GLY A 26 -9.60 -1.41 1.31
C GLY A 26 -10.15 -0.25 0.52
N LYS A 27 -9.50 0.90 0.66
CA LYS A 27 -9.95 2.12 0.00
C LYS A 27 -8.91 2.59 -0.99
N ILE A 28 -9.20 2.44 -2.27
CA ILE A 28 -8.35 3.04 -3.30
C ILE A 28 -9.11 4.14 -4.03
N LYS A 29 -8.38 5.20 -4.40
CA LYS A 29 -8.95 6.44 -4.92
C LYS A 29 -10.00 6.20 -6.02
N GLY A 30 -11.20 6.76 -5.83
CA GLY A 30 -12.27 6.60 -6.80
C GLY A 30 -13.12 5.35 -6.65
N PHE A 31 -13.12 4.74 -5.47
CA PHE A 31 -13.89 3.52 -5.24
C PHE A 31 -14.54 3.55 -3.86
N SER A 32 -15.64 2.83 -3.68
CA SER A 32 -16.16 2.58 -2.34
C SER A 32 -15.13 1.72 -1.58
N TRP A 33 -15.21 1.70 -0.25
CA TRP A 33 -14.47 0.69 0.48
C TRP A 33 -14.81 -0.67 -0.12
N TRP A 34 -13.78 -1.49 -0.37
CA TRP A 34 -13.97 -2.76 -1.05
C TRP A 34 -13.28 -3.88 -0.26
N PRO A 35 -13.96 -5.04 -0.14
CA PRO A 35 -13.39 -6.09 0.71
C PRO A 35 -12.22 -6.75 0.02
N ALA A 36 -11.24 -7.17 0.80
CA ALA A 36 -10.06 -7.78 0.25
C ALA A 36 -9.43 -8.69 1.29
N MET A 37 -8.41 -9.42 0.88
CA MET A 37 -7.64 -10.19 1.84
C MET A 37 -6.19 -9.78 1.75
N VAL A 38 -5.55 -9.60 2.90
CA VAL A 38 -4.13 -9.30 2.91
C VAL A 38 -3.42 -10.56 2.48
N VAL A 39 -2.51 -10.43 1.51
CA VAL A 39 -1.75 -11.59 1.03
C VAL A 39 -0.25 -11.34 1.10
N SER A 40 0.54 -12.40 0.94
CA SER A 40 1.98 -12.25 0.83
C SER A 40 2.32 -11.73 -0.56
N TRP A 41 3.41 -10.96 -0.66
CA TRP A 41 3.85 -10.48 -1.97
C TRP A 41 4.16 -11.64 -2.90
N LYS A 42 4.48 -12.79 -2.33
CA LYS A 42 4.72 -13.98 -3.14
C LYS A 42 3.46 -14.44 -3.88
N ALA A 43 2.29 -14.17 -3.34
CA ALA A 43 1.06 -14.53 -4.04
C ALA A 43 0.88 -13.68 -5.30
N THR A 44 1.54 -12.53 -5.35
CA THR A 44 1.22 -11.52 -6.36
C THR A 44 1.99 -11.65 -7.65
N SER A 45 3.14 -12.32 -7.59
CA SER A 45 4.09 -12.33 -8.72
C SER A 45 4.61 -10.92 -9.05
N LYS A 46 4.75 -10.07 -8.05
CA LYS A 46 5.25 -8.73 -8.30
C LYS A 46 6.50 -8.45 -7.48
N ARG A 47 6.34 -7.65 -6.43
CA ARG A 47 7.49 -7.16 -5.66
C ARG A 47 7.09 -7.14 -4.21
N GLN A 48 8.06 -7.08 -3.32
CA GLN A 48 7.75 -6.87 -1.92
C GLN A 48 7.04 -5.54 -1.76
N ALA A 49 6.06 -5.51 -0.86
CA ALA A 49 5.35 -4.27 -0.55
C ALA A 49 6.32 -3.32 0.14
N MET A 50 6.18 -2.03 -0.14
CA MET A 50 6.93 -1.02 0.61
C MET A 50 6.52 -1.09 2.07
N SER A 51 7.45 -0.75 2.96
CA SER A 51 7.17 -0.68 4.40
C SER A 51 5.95 0.19 4.57
N GLY A 52 5.06 -0.18 5.47
CA GLY A 52 3.85 0.57 5.70
C GLY A 52 2.72 0.23 4.74
N MET A 53 2.99 -0.63 3.77
CA MET A 53 1.95 -1.08 2.87
C MET A 53 1.71 -2.61 2.94
N ARG A 54 0.57 -3.03 2.39
CA ARG A 54 0.21 -4.43 2.34
C ARG A 54 -0.25 -4.75 0.93
N TRP A 55 0.13 -5.91 0.42
CA TRP A 55 -0.57 -6.45 -0.73
C TRP A 55 -1.93 -6.96 -0.31
N VAL A 56 -2.95 -6.59 -1.06
CA VAL A 56 -4.26 -7.16 -0.81
C VAL A 56 -4.75 -7.76 -2.12
N GLN A 57 -5.62 -8.75 -2.01
CA GLN A 57 -6.26 -9.30 -3.18
C GLN A 57 -7.74 -9.01 -3.02
N TRP A 58 -8.31 -8.32 -4.01
CA TRP A 58 -9.71 -7.89 -3.92
C TRP A 58 -10.66 -9.04 -4.19
N PHE A 59 -11.68 -9.17 -3.34
CA PHE A 59 -12.73 -10.14 -3.56
C PHE A 59 -13.54 -9.70 -4.74
N GLY A 60 -14.03 -10.65 -5.52
CA GLY A 60 -14.83 -10.31 -6.67
C GLY A 60 -14.04 -10.38 -7.95
N ASP A 61 -12.89 -9.71 -8.00
CA ASP A 61 -12.11 -9.72 -9.23
C ASP A 61 -10.72 -10.36 -9.11
N GLY A 62 -10.29 -10.65 -7.87
CA GLY A 62 -9.07 -11.39 -7.65
C GLY A 62 -7.77 -10.66 -7.97
N LYS A 63 -7.86 -9.34 -8.18
CA LYS A 63 -6.68 -8.56 -8.50
C LYS A 63 -5.92 -8.15 -7.26
N PHE A 64 -4.65 -7.84 -7.44
CA PHE A 64 -3.78 -7.46 -6.34
C PHE A 64 -3.49 -5.95 -6.35
N SER A 65 -3.52 -5.33 -5.18
CA SER A 65 -3.10 -3.93 -5.06
C SER A 65 -2.19 -3.78 -3.85
N GLU A 66 -1.20 -2.90 -3.99
CA GLU A 66 -0.37 -2.54 -2.87
C GLU A 66 -1.02 -1.33 -2.20
N VAL A 67 -1.47 -1.51 -0.97
CA VAL A 67 -2.31 -0.49 -0.34
C VAL A 67 -1.69 -0.13 1.00
N SER A 68 -1.73 1.17 1.33
CA SER A 68 -1.23 1.60 2.63
C SER A 68 -2.04 0.99 3.77
N ALA A 69 -1.36 0.55 4.82
CA ALA A 69 -2.04 -0.06 5.97
C ALA A 69 -3.03 0.91 6.63
N ASP A 70 -2.81 2.20 6.43
CA ASP A 70 -3.70 3.22 6.97
C ASP A 70 -4.95 3.39 6.12
N LYS A 71 -4.95 2.81 4.93
CA LYS A 71 -6.13 2.81 4.09
C LYS A 71 -6.83 1.45 4.13
N LEU A 72 -6.53 0.68 5.18
CA LEU A 72 -7.17 -0.60 5.41
C LEU A 72 -7.86 -0.59 6.77
N VAL A 73 -9.02 -1.22 6.84
CA VAL A 73 -9.70 -1.49 8.11
C VAL A 73 -10.18 -2.94 8.12
N ALA A 74 -10.34 -3.51 9.31
CA ALA A 74 -10.84 -4.87 9.48
C ALA A 74 -12.21 -5.04 8.83
N LEU A 75 -12.41 -6.14 8.12
CA LEU A 75 -13.71 -6.41 7.51
C LEU A 75 -14.81 -6.44 8.60
N GLY A 76 -14.44 -6.90 9.80
CA GLY A 76 -15.35 -6.97 10.92
C GLY A 76 -16.02 -5.66 11.29
N LEU A 77 -15.36 -4.54 11.02
CA LEU A 77 -16.03 -3.25 11.10
C LEU A 77 -16.95 -3.10 9.89
N PHE A 78 -18.04 -3.86 9.89
CA PHE A 78 -18.80 -4.05 8.67
C PHE A 78 -19.80 -2.93 8.39
N SER A 79 -20.69 -2.68 9.35
CA SER A 79 -21.72 -1.67 9.23
C SER A 79 -21.15 -0.33 8.85
N GLN A 80 -19.99 -0.04 9.42
CA GLN A 80 -19.34 1.24 9.24
C GLN A 80 -18.84 1.44 7.82
N HIS A 81 -18.54 0.36 7.10
CA HIS A 81 -17.83 0.53 5.82
C HIS A 81 -18.58 -0.03 4.63
N PHE A 82 -19.57 -0.86 4.91
CA PHE A 82 -20.46 -1.35 3.89
C PHE A 82 -21.15 -0.15 3.25
N ASN A 83 -21.17 -0.10 1.92
CA ASN A 83 -21.79 1.00 1.21
C ASN A 83 -23.07 0.49 0.57
N LEU A 84 -24.21 0.83 1.17
CA LEU A 84 -25.49 0.33 0.67
C LEU A 84 -25.76 0.80 -0.77
N ALA A 85 -25.44 2.05 -1.07
CA ALA A 85 -25.67 2.57 -2.43
C ALA A 85 -24.87 1.76 -3.45
N THR A 86 -23.59 1.53 -3.13
CA THR A 86 -22.73 0.78 -4.06
C THR A 86 -23.29 -0.63 -4.23
N PHE A 87 -23.77 -1.19 -3.13
CA PHE A 87 -24.37 -2.52 -3.17
C PHE A 87 -25.60 -2.59 -4.08
N ASN A 88 -26.42 -1.56 -4.03
CA ASN A 88 -27.63 -1.53 -4.84
C ASN A 88 -27.31 -1.28 -6.30
N LYS A 89 -26.29 -0.46 -6.54
CA LYS A 89 -25.88 -0.04 -7.88
C LYS A 89 -25.03 -1.09 -8.64
N LEU A 90 -24.16 -1.83 -7.96
CA LEU A 90 -23.16 -2.64 -8.66
C LEU A 90 -23.19 -4.14 -8.35
N VAL A 91 -23.45 -4.96 -9.37
CA VAL A 91 -23.44 -6.40 -9.14
C VAL A 91 -22.05 -6.90 -8.73
N SER A 92 -21.00 -6.25 -9.24
CA SER A 92 -19.64 -6.64 -8.91
C SER A 92 -19.36 -6.47 -7.41
N TYR A 93 -19.98 -5.46 -6.82
CA TYR A 93 -19.87 -5.23 -5.39
C TYR A 93 -20.61 -6.33 -4.64
N ARG A 94 -21.81 -6.66 -5.10
CA ARG A 94 -22.57 -7.75 -4.49
C ARG A 94 -21.81 -9.06 -4.60
N LYS A 95 -21.16 -9.30 -5.72
CA LYS A 95 -20.37 -10.52 -5.87
C LYS A 95 -19.18 -10.52 -4.91
N ALA A 96 -18.53 -9.37 -4.77
CA ALA A 96 -17.44 -9.21 -3.82
C ALA A 96 -17.88 -9.49 -2.39
N MET A 97 -19.04 -8.94 -2.00
CA MET A 97 -19.61 -9.24 -0.69
C MET A 97 -19.79 -10.72 -0.46
N TYR A 98 -20.38 -11.39 -1.45
CA TYR A 98 -20.63 -12.82 -1.32
C TYR A 98 -19.32 -13.55 -1.05
N HIS A 99 -18.33 -13.32 -1.90
CA HIS A 99 -17.07 -14.05 -1.76
C HIS A 99 -16.35 -13.71 -0.46
N ALA A 100 -16.43 -12.45 -0.07
CA ALA A 100 -15.81 -12.02 1.18
C ALA A 100 -16.52 -12.65 2.39
N LEU A 101 -17.85 -12.59 2.41
CA LEU A 101 -18.59 -13.07 3.55
C LEU A 101 -18.57 -14.59 3.66
N GLU A 102 -18.53 -15.25 2.50
CA GLU A 102 -18.33 -16.70 2.45
C GLU A 102 -17.03 -17.10 3.11
N LYS A 103 -15.96 -16.39 2.79
CA LYS A 103 -14.69 -16.65 3.47
C LYS A 103 -14.85 -16.40 4.97
N ALA A 104 -15.48 -15.29 5.33
CA ALA A 104 -15.70 -14.95 6.74
C ALA A 104 -16.50 -16.06 7.42
N ARG A 105 -17.53 -16.53 6.74
CA ARG A 105 -18.47 -17.48 7.29
C ARG A 105 -17.76 -18.79 7.65
N VAL A 106 -16.97 -19.31 6.72
CA VAL A 106 -16.22 -20.54 6.96
C VAL A 106 -15.22 -20.35 8.09
N ARG A 107 -14.48 -19.26 8.07
CA ARG A 107 -13.59 -18.96 9.19
C ARG A 107 -14.26 -18.92 10.56
N ALA A 108 -15.50 -18.44 10.63
CA ALA A 108 -16.18 -18.25 11.91
C ALA A 108 -16.90 -19.51 12.38
N GLY A 109 -17.02 -20.49 11.50
CA GLY A 109 -17.71 -21.72 11.85
C GLY A 109 -19.20 -21.48 11.82
N LYS A 110 -19.63 -20.62 10.91
CA LYS A 110 -21.03 -20.20 10.80
C LYS A 110 -21.73 -20.95 9.68
N THR A 111 -23.00 -21.28 9.87
CA THR A 111 -23.77 -21.90 8.80
C THR A 111 -25.12 -21.20 8.61
N PHE A 112 -25.58 -21.20 7.35
CA PHE A 112 -26.87 -20.63 6.98
C PHE A 112 -27.67 -21.64 6.18
N PRO A 113 -29.01 -21.68 6.40
CA PRO A 113 -29.91 -22.47 5.55
C PRO A 113 -29.96 -21.95 4.11
N ASP A 118 -32.04 -20.03 -4.85
CA ASP A 118 -30.64 -19.83 -4.48
C ASP A 118 -29.92 -18.84 -5.41
N SER A 119 -30.60 -17.74 -5.72
CA SER A 119 -30.00 -16.62 -6.45
C SER A 119 -28.82 -16.04 -5.66
N LEU A 120 -28.04 -15.17 -6.31
CA LEU A 120 -26.94 -14.49 -5.65
C LEU A 120 -27.46 -13.72 -4.44
N GLU A 121 -28.48 -12.90 -4.67
CA GLU A 121 -29.07 -12.07 -3.63
C GLU A 121 -29.70 -12.89 -2.48
N ASP A 122 -30.07 -14.14 -2.77
CA ASP A 122 -30.71 -15.01 -1.78
C ASP A 122 -29.70 -15.71 -0.86
N GLN A 123 -28.55 -16.07 -1.42
CA GLN A 123 -27.48 -16.65 -0.61
C GLN A 123 -26.88 -15.54 0.24
N LEU A 124 -26.81 -14.36 -0.37
CA LEU A 124 -26.23 -13.19 0.25
C LEU A 124 -27.03 -12.75 1.47
N LYS A 125 -28.35 -12.82 1.36
CA LYS A 125 -29.23 -12.22 2.36
C LYS A 125 -28.89 -12.56 3.82
N PRO A 126 -28.83 -13.86 4.17
CA PRO A 126 -28.47 -14.11 5.58
C PRO A 126 -27.01 -13.81 5.94
N MET A 127 -26.10 -13.91 4.99
CA MET A 127 -24.70 -13.57 5.23
C MET A 127 -24.56 -12.08 5.53
N LEU A 128 -25.31 -11.27 4.78
CA LEU A 128 -25.29 -9.83 4.98
C LEU A 128 -25.88 -9.50 6.34
N GLU A 129 -26.98 -10.15 6.67
CA GLU A 129 -27.64 -9.92 7.96
C GLU A 129 -26.70 -10.27 9.09
N TRP A 130 -26.03 -11.41 8.93
CA TRP A 130 -25.03 -11.87 9.86
C TRP A 130 -23.93 -10.82 10.04
N ALA A 131 -23.35 -10.38 8.93
CA ALA A 131 -22.26 -9.43 8.95
C ALA A 131 -22.71 -8.10 9.55
N HIS A 132 -23.85 -7.62 9.08
CA HIS A 132 -24.33 -6.30 9.47
C HIS A 132 -24.65 -6.32 10.95
N GLY A 133 -25.15 -7.46 11.43
CA GLY A 133 -25.54 -7.61 12.81
C GLY A 133 -24.40 -7.83 13.78
N GLY A 134 -23.16 -7.91 13.28
CA GLY A 134 -22.02 -8.05 14.18
C GLY A 134 -21.34 -9.42 14.17
N PHE A 135 -21.66 -10.24 13.18
CA PHE A 135 -21.02 -11.55 13.04
C PHE A 135 -21.24 -12.41 14.30
N LYS A 136 -22.48 -12.42 14.81
CA LYS A 136 -22.82 -13.25 15.97
C LYS A 136 -22.97 -14.72 15.55
N PRO A 137 -22.58 -15.66 16.43
CA PRO A 137 -22.16 -15.45 17.84
C PRO A 137 -20.69 -15.16 18.08
N THR A 138 -19.81 -15.40 17.12
CA THR A 138 -18.38 -15.24 17.36
C THR A 138 -17.95 -13.80 17.53
N GLY A 139 -18.66 -12.88 16.86
CA GLY A 139 -18.17 -11.52 16.75
C GLY A 139 -17.00 -11.55 15.79
N ILE A 140 -16.24 -10.46 15.73
CA ILE A 140 -15.22 -10.33 14.70
C ILE A 140 -13.98 -11.21 14.88
N GLU A 141 -13.76 -11.70 16.10
CA GLU A 141 -12.64 -12.59 16.33
C GLU A 141 -12.75 -13.87 15.49
N GLY A 142 -13.97 -14.24 15.11
CA GLY A 142 -14.17 -15.38 14.24
C GLY A 142 -13.68 -15.19 12.81
N LEU A 143 -13.38 -13.96 12.42
CA LEU A 143 -12.95 -13.69 11.04
C LEU A 143 -11.44 -13.85 10.88
N LYS A 144 -10.75 -14.11 11.99
CA LYS A 144 -9.28 -14.28 11.96
C LYS A 144 -8.86 -15.51 11.14
N PRO A 145 -7.74 -15.38 10.40
CA PRO A 145 -7.19 -16.44 9.53
C PRO A 145 -6.67 -17.66 10.31
N GLU B 11 17.57 3.21 17.07
CA GLU B 11 18.15 2.81 15.80
C GLU B 11 18.41 4.04 14.93
N TYR B 12 19.57 4.06 14.28
CA TYR B 12 20.02 5.16 13.41
C TYR B 12 20.44 6.44 14.16
N GLN B 13 20.56 6.35 15.47
CA GLN B 13 21.21 7.43 16.21
C GLN B 13 22.73 7.24 16.11
N ASP B 14 23.33 7.91 15.13
CA ASP B 14 24.76 7.82 14.90
C ASP B 14 25.31 9.18 14.48
N GLY B 15 24.48 10.21 14.62
CA GLY B 15 24.86 11.57 14.29
C GLY B 15 24.77 11.86 12.81
N LYS B 16 24.02 11.03 12.09
CA LYS B 16 23.87 11.20 10.65
C LYS B 16 22.42 11.50 10.25
N GLU B 17 22.25 11.98 9.03
CA GLU B 17 20.95 12.42 8.53
C GLU B 17 19.99 11.24 8.31
N PHE B 18 18.70 11.54 8.21
CA PHE B 18 17.67 10.59 7.76
C PHE B 18 17.23 9.55 8.78
N GLY B 19 15.93 9.55 9.03
CA GLY B 19 15.32 8.58 9.91
C GLY B 19 14.29 7.75 9.16
N ILE B 20 13.68 6.82 9.89
CA ILE B 20 12.73 5.88 9.32
C ILE B 20 11.56 6.61 8.66
N GLY B 21 11.20 6.16 7.46
CA GLY B 21 10.09 6.76 6.75
C GLY B 21 10.48 7.83 5.76
N ASP B 22 11.70 8.35 5.86
CA ASP B 22 12.13 9.44 4.97
C ASP B 22 12.21 9.00 3.52
N LEU B 23 11.65 9.80 2.63
CA LEU B 23 11.74 9.55 1.20
C LEU B 23 13.05 10.15 0.69
N VAL B 24 13.84 9.35 0.00
CA VAL B 24 15.18 9.80 -0.38
C VAL B 24 15.54 9.41 -1.79
N TRP B 25 16.56 10.06 -2.32
CA TRP B 25 17.28 9.56 -3.46
C TRP B 25 18.48 8.83 -2.89
N GLY B 26 18.77 7.67 -3.46
CA GLY B 26 19.93 6.91 -3.05
C GLY B 26 20.78 6.59 -4.25
N LYS B 27 22.09 6.66 -4.05
CA LYS B 27 23.03 6.43 -5.15
C LYS B 27 23.88 5.20 -4.89
N ILE B 28 23.62 4.13 -5.63
CA ILE B 28 24.57 3.03 -5.74
C ILE B 28 25.42 3.33 -6.97
N LYS B 29 26.75 3.27 -6.80
CA LYS B 29 27.69 3.57 -7.88
C LYS B 29 27.39 2.76 -9.14
N GLY B 30 27.44 3.42 -10.30
CA GLY B 30 27.06 2.79 -11.54
C GLY B 30 25.59 3.02 -11.86
N PHE B 31 24.77 3.10 -10.82
CA PHE B 31 23.36 3.42 -10.96
C PHE B 31 23.12 4.91 -10.73
N SER B 32 22.22 5.51 -11.51
CA SER B 32 21.85 6.91 -11.26
C SER B 32 21.06 7.01 -9.96
N TRP B 33 20.69 8.23 -9.56
CA TRP B 33 19.94 8.42 -8.34
C TRP B 33 18.60 7.71 -8.45
N TRP B 34 18.27 6.97 -7.39
CA TRP B 34 17.06 6.16 -7.39
C TRP B 34 16.25 6.44 -6.13
N PRO B 35 14.93 6.62 -6.28
CA PRO B 35 14.12 6.98 -5.12
C PRO B 35 13.92 5.79 -4.18
N ALA B 36 13.88 6.05 -2.88
CA ALA B 36 13.77 4.99 -1.90
C ALA B 36 13.13 5.53 -0.64
N MET B 37 12.82 4.63 0.28
CA MET B 37 12.38 5.02 1.60
C MET B 37 13.33 4.42 2.65
N VAL B 38 13.76 5.25 3.60
CA VAL B 38 14.53 4.75 4.73
C VAL B 38 13.61 3.83 5.55
N VAL B 39 14.08 2.62 5.83
CA VAL B 39 13.28 1.71 6.65
C VAL B 39 14.05 1.26 7.89
N SER B 40 13.35 0.61 8.80
CA SER B 40 14.00 0.00 9.94
C SER B 40 14.61 -1.28 9.45
N TRP B 41 15.76 -1.67 10.02
CA TRP B 41 16.35 -2.96 9.68
C TRP B 41 15.39 -4.12 9.94
N LYS B 42 14.44 -3.93 10.85
CA LYS B 42 13.46 -5.01 11.13
C LYS B 42 12.54 -5.32 9.96
N ALA B 43 12.35 -4.33 9.09
CA ALA B 43 11.51 -4.51 7.91
C ALA B 43 12.22 -5.31 6.83
N THR B 44 13.51 -5.51 6.99
CA THR B 44 14.35 -6.05 5.92
C THR B 44 14.54 -7.55 5.99
N SER B 45 14.30 -8.13 7.17
CA SER B 45 14.59 -9.53 7.40
C SER B 45 16.08 -9.84 7.16
N LYS B 46 16.96 -8.87 7.44
CA LYS B 46 18.40 -9.09 7.26
C LYS B 46 19.23 -8.91 8.54
N ARG B 47 19.69 -7.70 8.81
CA ARG B 47 20.65 -7.46 9.87
C ARG B 47 20.62 -5.97 10.18
N GLN B 48 21.00 -5.60 11.40
CA GLN B 48 21.09 -4.19 11.73
C GLN B 48 22.12 -3.54 10.82
N ALA B 49 21.83 -2.30 10.43
CA ALA B 49 22.76 -1.48 9.67
C ALA B 49 23.97 -1.12 10.55
N MET B 50 25.15 -1.11 9.93
CA MET B 50 26.36 -0.61 10.58
C MET B 50 26.16 0.86 10.89
N SER B 51 26.90 1.39 11.87
CA SER B 51 26.89 2.83 12.16
C SER B 51 27.14 3.63 10.89
N GLY B 52 26.40 4.71 10.72
CA GLY B 52 26.58 5.57 9.56
C GLY B 52 25.83 5.10 8.33
N MET B 53 25.20 3.92 8.43
CA MET B 53 24.42 3.36 7.32
C MET B 53 22.91 3.40 7.59
N ARG B 54 22.13 3.31 6.52
CA ARG B 54 20.69 3.29 6.64
C ARG B 54 20.25 2.17 5.78
N TRP B 55 19.22 1.44 6.20
CA TRP B 55 18.56 0.53 5.29
C TRP B 55 17.60 1.36 4.47
N VAL B 56 17.59 1.15 3.15
CA VAL B 56 16.57 1.78 2.32
C VAL B 56 15.84 0.71 1.53
N GLN B 57 14.59 0.99 1.17
CA GLN B 57 13.83 0.10 0.30
C GLN B 57 13.55 0.89 -0.97
N TRP B 58 13.98 0.33 -2.10
CA TRP B 58 13.83 1.02 -3.39
C TRP B 58 12.41 1.00 -3.90
N PHE B 59 11.91 2.17 -4.31
CA PHE B 59 10.63 2.20 -5.00
C PHE B 59 10.78 1.48 -6.33
N GLY B 60 9.71 0.82 -6.76
CA GLY B 60 9.76 0.09 -8.02
C GLY B 60 10.00 -1.38 -7.86
N ASP B 61 11.06 -1.79 -7.17
CA ASP B 61 11.25 -3.21 -6.96
C ASP B 61 11.11 -3.69 -5.51
N GLY B 62 10.97 -2.75 -4.58
CA GLY B 62 10.72 -3.09 -3.20
C GLY B 62 11.86 -3.80 -2.49
N LYS B 63 13.04 -3.84 -3.14
CA LYS B 63 14.23 -4.45 -2.55
C LYS B 63 14.92 -3.54 -1.52
N PHE B 64 15.77 -4.14 -0.70
CA PHE B 64 16.42 -3.44 0.40
C PHE B 64 17.92 -3.34 0.16
N SER B 65 18.51 -2.19 0.47
CA SER B 65 19.97 -2.04 0.46
C SER B 65 20.42 -1.26 1.67
N GLU B 66 21.64 -1.55 2.11
CA GLU B 66 22.25 -0.80 3.18
C GLU B 66 23.11 0.27 2.52
N VAL B 67 22.76 1.53 2.74
CA VAL B 67 23.44 2.62 2.05
C VAL B 67 23.97 3.58 3.07
N SER B 68 25.13 4.15 2.79
CA SER B 68 25.71 5.16 3.66
C SER B 68 24.77 6.34 3.74
N ALA B 69 24.53 6.81 4.96
CA ALA B 69 23.72 8.02 5.17
C ALA B 69 24.30 9.22 4.43
N ASP B 70 25.56 9.11 4.00
CA ASP B 70 26.24 10.18 3.27
C ASP B 70 25.97 10.18 1.78
N LYS B 71 25.40 9.09 1.28
CA LYS B 71 25.06 8.97 -0.13
C LYS B 71 23.55 9.01 -0.33
N LEU B 72 22.87 9.76 0.52
CA LEU B 72 21.42 9.91 0.45
C LEU B 72 21.06 11.39 0.48
N VAL B 73 20.12 11.79 -0.37
CA VAL B 73 19.56 13.15 -0.33
C VAL B 73 18.04 13.11 -0.25
N ALA B 74 17.43 14.15 0.31
CA ALA B 74 15.98 14.21 0.45
C ALA B 74 15.34 14.10 -0.93
N LEU B 75 14.25 13.34 -1.04
CA LEU B 75 13.52 13.21 -2.29
C LEU B 75 13.09 14.59 -2.79
N GLY B 76 12.83 15.50 -1.85
CA GLY B 76 12.45 16.87 -2.15
C GLY B 76 13.40 17.61 -3.06
N LEU B 77 14.68 17.26 -3.03
CA LEU B 77 15.58 17.83 -4.02
C LEU B 77 15.32 17.15 -5.35
N PHE B 78 14.12 17.38 -5.89
CA PHE B 78 13.63 16.49 -6.95
C PHE B 78 14.33 16.63 -8.29
N SER B 79 14.26 17.83 -8.86
CA SER B 79 14.77 18.06 -10.21
C SER B 79 16.26 17.82 -10.35
N GLN B 80 17.02 18.08 -9.29
CA GLN B 80 18.47 17.95 -9.36
C GLN B 80 18.88 16.50 -9.52
N HIS B 81 18.12 15.59 -8.94
CA HIS B 81 18.52 14.18 -8.93
C HIS B 81 17.74 13.31 -9.87
N PHE B 82 16.56 13.80 -10.24
CA PHE B 82 15.77 13.16 -11.28
C PHE B 82 16.63 13.08 -12.53
N ASN B 83 16.67 11.92 -13.16
CA ASN B 83 17.47 11.77 -14.37
C ASN B 83 16.60 11.47 -15.59
N LEU B 84 16.36 12.50 -16.41
CA LEU B 84 15.45 12.41 -17.55
C LEU B 84 15.88 11.36 -18.57
N ALA B 85 17.17 11.31 -18.85
CA ALA B 85 17.69 10.30 -19.78
C ALA B 85 17.39 8.87 -19.28
N THR B 86 17.69 8.60 -18.00
CA THR B 86 17.37 7.29 -17.43
C THR B 86 15.87 7.03 -17.52
N PHE B 87 15.07 8.04 -17.19
CA PHE B 87 13.61 7.95 -17.27
C PHE B 87 13.14 7.53 -18.67
N ASN B 88 13.81 8.04 -19.69
CA ASN B 88 13.45 7.69 -21.06
C ASN B 88 14.05 6.36 -21.51
N LYS B 89 15.18 5.99 -20.92
CA LYS B 89 15.80 4.70 -21.22
C LYS B 89 15.16 3.46 -20.55
N LEU B 90 14.69 3.60 -19.32
CA LEU B 90 14.30 2.45 -18.50
C LEU B 90 12.88 2.50 -17.94
N VAL B 91 12.05 1.52 -18.30
CA VAL B 91 10.69 1.44 -17.79
C VAL B 91 10.70 1.22 -16.27
N SER B 92 11.74 0.56 -15.77
CA SER B 92 11.87 0.32 -14.34
C SER B 92 11.99 1.63 -13.58
N TYR B 93 12.76 2.57 -14.13
CA TYR B 93 12.92 3.88 -13.52
C TYR B 93 11.59 4.62 -13.47
N ARG B 94 10.79 4.51 -14.52
CA ARG B 94 9.49 5.19 -14.56
C ARG B 94 8.53 4.58 -13.54
N LYS B 95 8.55 3.26 -13.43
CA LYS B 95 7.80 2.57 -12.39
C LYS B 95 8.26 3.07 -11.01
N ALA B 96 9.56 3.09 -10.81
CA ALA B 96 10.12 3.62 -9.55
C ALA B 96 9.60 5.03 -9.27
N MET B 97 9.68 5.92 -10.27
CA MET B 97 9.16 7.28 -10.12
C MET B 97 7.71 7.26 -9.71
N TYR B 98 6.92 6.41 -10.35
CA TYR B 98 5.48 6.40 -10.09
C TYR B 98 5.19 6.05 -8.64
N HIS B 99 5.75 4.94 -8.17
CA HIS B 99 5.47 4.53 -6.79
C HIS B 99 6.00 5.51 -5.77
N ALA B 100 7.15 6.12 -6.07
CA ALA B 100 7.75 7.09 -5.15
C ALA B 100 6.88 8.34 -5.07
N LEU B 101 6.47 8.83 -6.24
CA LEU B 101 5.64 10.02 -6.28
C LEU B 101 4.25 9.76 -5.71
N GLU B 102 3.75 8.54 -5.94
CA GLU B 102 2.49 8.11 -5.35
C GLU B 102 2.53 8.24 -3.83
N LYS B 103 3.60 7.74 -3.23
CA LYS B 103 3.71 7.84 -1.78
C LYS B 103 3.90 9.28 -1.35
N ALA B 104 4.67 10.03 -2.12
CA ALA B 104 4.81 11.47 -1.88
C ALA B 104 3.43 12.13 -1.95
N ARG B 105 2.65 11.76 -2.96
CA ARG B 105 1.31 12.31 -3.14
C ARG B 105 0.42 12.09 -1.91
N VAL B 106 0.29 10.83 -1.50
CA VAL B 106 -0.54 10.49 -0.36
C VAL B 106 -0.14 11.30 0.87
N ARG B 107 1.15 11.29 1.18
CA ARG B 107 1.65 11.99 2.35
C ARG B 107 1.30 13.46 2.37
N ALA B 108 1.25 14.05 1.18
CA ALA B 108 0.99 15.47 1.04
C ALA B 108 -0.50 15.78 1.09
N GLY B 109 -1.33 14.81 0.72
CA GLY B 109 -2.75 15.07 0.55
C GLY B 109 -2.98 15.72 -0.80
N LYS B 110 -2.33 15.17 -1.82
CA LYS B 110 -2.38 15.71 -3.17
C LYS B 110 -3.27 14.85 -4.06
N THR B 111 -3.86 15.47 -5.09
CA THR B 111 -4.72 14.75 -6.02
C THR B 111 -4.43 15.08 -7.47
N PHE B 112 -4.53 14.06 -8.32
CA PHE B 112 -4.25 14.16 -9.73
C PHE B 112 -5.33 13.40 -10.49
N PRO B 113 -6.06 14.09 -11.38
CA PRO B 113 -7.03 13.40 -12.24
C PRO B 113 -6.34 12.51 -13.26
N ASP B 118 -4.65 7.38 -18.96
CA ASP B 118 -4.60 6.85 -17.60
C ASP B 118 -3.70 5.62 -17.49
N SER B 119 -2.68 5.55 -18.37
CA SER B 119 -1.64 4.54 -18.28
C SER B 119 -0.53 4.98 -17.30
N LEU B 120 0.69 4.53 -17.55
CA LEU B 120 1.81 4.85 -16.67
C LEU B 120 2.30 6.28 -16.89
N GLU B 121 2.90 6.53 -18.05
CA GLU B 121 3.37 7.87 -18.41
C GLU B 121 2.27 8.91 -18.28
N ASP B 122 1.02 8.46 -18.41
CA ASP B 122 -0.13 9.34 -18.27
C ASP B 122 -0.37 9.77 -16.83
N GLN B 123 -0.34 8.82 -15.91
CA GLN B 123 -0.48 9.15 -14.50
C GLN B 123 0.75 9.91 -14.03
N LEU B 124 1.88 9.61 -14.66
CA LEU B 124 3.16 10.18 -14.29
C LEU B 124 3.21 11.69 -14.55
N LYS B 125 2.61 12.12 -15.66
CA LYS B 125 2.66 13.51 -16.10
C LYS B 125 2.34 14.55 -15.01
N PRO B 126 1.13 14.52 -14.43
CA PRO B 126 0.90 15.54 -13.41
C PRO B 126 1.73 15.31 -12.14
N MET B 127 2.17 14.07 -11.90
CA MET B 127 3.00 13.78 -10.74
C MET B 127 4.36 14.43 -10.91
N LEU B 128 4.95 14.25 -12.09
CA LEU B 128 6.24 14.82 -12.41
C LEU B 128 6.22 16.35 -12.39
N GLU B 129 5.17 16.95 -12.94
CA GLU B 129 5.08 18.41 -12.94
C GLU B 129 4.98 18.88 -11.51
N TRP B 130 4.19 18.17 -10.70
CA TRP B 130 4.04 18.52 -9.30
C TRP B 130 5.40 18.50 -8.60
N ALA B 131 6.19 17.48 -8.86
CA ALA B 131 7.46 17.28 -8.16
C ALA B 131 8.47 18.34 -8.58
N HIS B 132 8.63 18.50 -9.89
CA HIS B 132 9.53 19.48 -10.48
C HIS B 132 9.25 20.89 -9.98
N GLY B 133 8.01 21.13 -9.58
CA GLY B 133 7.59 22.46 -9.16
C GLY B 133 7.59 22.66 -7.65
N GLY B 134 8.24 21.76 -6.93
CA GLY B 134 8.40 21.94 -5.50
C GLY B 134 7.27 21.39 -4.65
N PHE B 135 6.50 20.47 -5.23
CA PHE B 135 5.44 19.76 -4.50
C PHE B 135 4.43 20.70 -3.85
N LYS B 136 4.07 21.76 -4.58
CA LYS B 136 3.13 22.76 -4.08
C LYS B 136 1.72 22.19 -3.92
N PRO B 137 0.98 22.66 -2.89
CA PRO B 137 1.26 23.76 -1.97
C PRO B 137 2.09 23.40 -0.74
N THR B 138 2.03 22.15 -0.31
CA THR B 138 2.69 21.73 0.91
C THR B 138 4.20 22.00 0.89
N GLY B 139 4.79 21.91 -0.30
CA GLY B 139 6.23 21.93 -0.43
C GLY B 139 6.81 20.61 0.07
N ILE B 140 8.11 20.58 0.36
CA ILE B 140 8.75 19.34 0.80
C ILE B 140 8.35 18.91 2.22
N GLU B 141 7.59 19.74 2.91
CA GLU B 141 7.14 19.41 4.26
C GLU B 141 6.09 18.31 4.25
N GLY B 142 5.39 18.18 3.12
CA GLY B 142 4.34 17.19 2.99
C GLY B 142 4.85 15.81 2.57
N LEU B 143 6.18 15.66 2.52
CA LEU B 143 6.78 14.37 2.24
C LEU B 143 7.25 13.69 3.52
N LYS B 144 7.25 14.43 4.63
CA LYS B 144 7.70 13.88 5.92
C LYS B 144 6.85 12.68 6.32
N PRO B 145 7.45 11.70 7.02
CA PRO B 145 6.70 10.48 7.38
C PRO B 145 5.70 10.72 8.51
C2 95E C . -15.36 -5.09 -11.61
O12 95E C . -9.67 -4.02 -9.07
C11 95E C . -10.21 -3.82 -7.76
C10 95E C . -11.36 -2.85 -7.91
C13 95E C . -11.13 -1.59 -7.07
C14 95E C . -11.32 -1.80 -5.58
N9 95E C . -12.61 -3.54 -7.54
C8 95E C . -13.72 -2.72 -8.03
C7 95E C . -14.57 -3.49 -9.04
N6 95E C . -13.91 -3.61 -10.32
C3 95E C . -14.72 -3.71 -11.53
O1 95E C . -14.61 -6.01 -10.82
C4 95E C . -13.86 -3.46 -12.77
C5 95E C . -13.56 -1.98 -12.96
S SO4 D . 1.20 -2.31 -9.20
O1 SO4 D . 2.20 -3.06 -9.97
O2 SO4 D . 0.71 -1.21 -10.03
O3 SO4 D . 0.09 -3.18 -8.84
O4 SO4 D . 1.81 -1.78 -7.98
S SO4 E . -13.30 9.12 -3.02
O1 SO4 E . -12.72 10.45 -3.07
O2 SO4 E . -14.72 9.18 -3.36
O3 SO4 E . -12.62 8.23 -3.97
O4 SO4 E . -13.14 8.61 -1.66
S SO4 F . -3.35 -8.60 -11.13
O1 SO4 F . -3.18 -8.04 -12.47
O2 SO4 F . -3.26 -7.52 -10.15
O3 SO4 F . -2.30 -9.60 -10.91
O4 SO4 F . -4.66 -9.23 -11.05
C2 95E G . 17.14 -0.76 -7.00
O12 95E G . 14.27 -4.22 -12.92
C11 95E G . 15.53 -3.87 -12.34
C10 95E G . 16.05 -2.59 -12.99
C13 95E G . 17.18 -2.97 -13.97
C14 95E G . 17.25 -2.06 -15.17
N9 95E G . 16.55 -1.66 -11.95
C8 95E G . 15.64 -1.65 -10.80
C7 95E G . 16.19 -0.77 -9.69
N6 95E G . 17.59 -1.05 -9.37
C3 95E G . 18.16 -0.57 -8.13
O1 95E G . 17.08 -2.15 -6.67
C4 95E G . 18.57 0.90 -8.22
C5 95E G . 19.50 1.28 -7.10
#